data_8ABN
#
_entry.id   8ABN
#
loop_
_entity.id
_entity.type
_entity.pdbx_description
1 polymer 'DNA (27-MER)'
2 non-polymer diethyl-[3-[[4-(4,5,9-trimethyl-10H-indolo[3,2-b]quinolin-5-ium-11-yl)phenyl]carbonylamino]propyl]azanium
#
_entity_poly.entity_id   1
_entity_poly.type   'polydeoxyribonucleotide'
_entity_poly.pdbx_seq_one_letter_code
;(DG)(DG)(DT)(DT)(DG)(DG)(DC)(DG)(DC)(DG)(DA)(DA)(DG)(DC)(DA)(DT)(DT)(DC)(DG)(DC)
(DG)(DG)(DG)(DT)(DT)(DG)(DG)
;
_entity_poly.pdbx_strand_id   A
#